data_6Q4U
#
_entry.id   6Q4U
#
_cell.length_a   109.359
_cell.length_b   109.359
_cell.length_c   90.893
_cell.angle_alpha   90.00
_cell.angle_beta   90.00
_cell.angle_gamma   120.00
#
_symmetry.space_group_name_H-M   'P 31 2 1'
#
loop_
_entity.id
_entity.type
_entity.pdbx_description
1 polymer 'DNA polymerase I, thermostable'
2 polymer "DNA (5'-D(*GP*AP*CP*CP*AP*CP*GP*GP*CP*CP*AP*(DOC))-3')"
3 polymer "DNA (5'-D(*AP*AP*CP*TP*GP*TP*GP*GP*CP*CP*GP*TP*GP*GP*TP*C)-3')"
4 non-polymer 'MAGNESIUM ION'
5 non-polymer 'MANGANESE (II) ION'
6 non-polymer '[[(2~{R},3~{S},5~{R})-5-[4-azanyl-5-[3-[2-(2-hydroxyethyloxy)ethanoylamino]prop-1-ynyl]pyrrolo[2,3-d]pyrimidin-7-yl]-3-oxidanyl-oxolan-2-yl]methoxy-oxidanyl-phosphoryl] phosphono hydrogen phosphate'
7 non-polymer 1,2-ETHANEDIOL
8 non-polymer GLYCEROL
9 water water
#
loop_
_entity_poly.entity_id
_entity_poly.type
_entity_poly.pdbx_seq_one_letter_code
_entity_poly.pdbx_strand_id
1 'polypeptide(L)'
;MALEEAPWPPPEGAFVGFVLSRKEPMWADLLALAAARGGRVHRAPEPYKALRDLKEARGLLAKDLSVLALREGLGLPPGD
DPMLLAYLLDPSNTTPEGVARRYGGEWTEEAGERAALSERLFANLWGRLEGEERLLWLYREVERPLSAVLAHMEATGVRL
DVAYLRALSLEVAEEIARLEAEVFRLAGHPFNLNSRDQLERVLFDELGLPAIGKTEKTGKRSTSAAVLEALREAHPIVEK
ILQYRELTKLKSTYIDPLPDLIHPRTGRLHTRFNQTATATGRLSSSDPNLQNIPVRTPLGQRIRRAFIAEEGWLLVALDY
SQIELRVLAHLSGDENLIRVFQEGRDIHTETASWMFGVPREAVDPLMRRAAKTINFGVLYGMSAHRLSQELAIPYEEAQA
FIERYFQSFPKVRAWIEKTLEEGRRRGYVETLFGRRRYVPDLEARVKSVREAAERMAFNMPVQGTAADLMKLAMVKLFPR
LEEMGARMLLQVHDELVLEAPKERAEAVARLAKEVMEGVYPLAVPLEVEVGIGEDWLSAKE
;
A
2 'polydeoxyribonucleotide' (DG)(DA)(DC)(DC)(DA)(DC)(DG)(DG)(DC)(DC)(DA)(DOC) B
3 'polydeoxyribonucleotide' (DA)(DA)(DC)(DT)(DG)(DT)(DG)(DG)(DC)(DC)(DG)(DT)(DG)(DG)(DT)(DC) C
#
# COMPACT_ATOMS: atom_id res chain seq x y z
N LEU A 3 -26.70 24.40 16.45
CA LEU A 3 -26.73 23.81 17.79
C LEU A 3 -26.59 24.87 18.88
N GLU A 4 -26.87 24.47 20.11
CA GLU A 4 -26.73 25.34 21.28
C GLU A 4 -25.27 25.33 21.73
N GLU A 5 -24.58 26.45 21.56
CA GLU A 5 -23.18 26.54 21.95
C GLU A 5 -23.05 26.45 23.47
N ALA A 6 -22.32 25.46 23.94
CA ALA A 6 -22.04 25.26 25.35
C ALA A 6 -20.56 25.41 25.62
N PRO A 7 -20.17 25.62 26.87
CA PRO A 7 -18.74 25.85 27.17
C PRO A 7 -17.93 24.57 27.16
N TRP A 8 -16.64 24.73 26.86
CA TRP A 8 -15.70 23.64 26.98
C TRP A 8 -15.47 23.33 28.47
N PRO A 9 -15.32 22.04 28.85
CA PRO A 9 -15.20 20.83 28.01
C PRO A 9 -16.52 20.11 27.75
N PRO A 10 -16.50 19.15 26.82
CA PRO A 10 -17.71 18.41 26.47
C PRO A 10 -17.88 17.21 27.37
N PRO A 11 -19.08 16.65 27.46
CA PRO A 11 -19.27 15.41 28.22
C PRO A 11 -18.63 14.24 27.50
N GLU A 12 -18.43 13.15 28.26
CA GLU A 12 -17.79 11.97 27.70
C GLU A 12 -18.60 11.40 26.55
N GLY A 13 -17.89 10.87 25.56
CA GLY A 13 -18.52 10.30 24.38
C GLY A 13 -18.79 11.27 23.26
N ALA A 14 -18.43 12.54 23.41
CA ALA A 14 -18.71 13.54 22.39
C ALA A 14 -17.90 13.28 21.12
N PHE A 15 -18.37 13.85 20.02
CA PHE A 15 -17.70 13.74 18.73
C PHE A 15 -16.82 14.96 18.51
N VAL A 16 -15.59 14.73 18.11
CA VAL A 16 -14.60 15.78 18.00
C VAL A 16 -14.57 16.32 16.58
N GLY A 17 -14.24 17.60 16.48
CA GLY A 17 -13.89 18.20 15.20
C GLY A 17 -12.64 19.03 15.40
N PHE A 18 -11.78 19.03 14.39
CA PHE A 18 -10.51 19.73 14.52
C PHE A 18 -10.04 20.22 13.16
N VAL A 19 -9.20 21.25 13.18
CA VAL A 19 -8.65 21.86 11.99
C VAL A 19 -7.14 21.92 12.12
N LEU A 20 -6.44 21.42 11.10
CA LEU A 20 -4.99 21.37 11.08
C LEU A 20 -4.46 22.38 10.08
N SER A 21 -3.25 22.89 10.34
CA SER A 21 -2.60 23.81 9.43
C SER A 21 -2.21 23.11 8.13
N ARG A 22 -2.02 21.80 8.17
CA ARG A 22 -1.62 21.03 7.00
C ARG A 22 -2.05 19.59 7.23
N LYS A 23 -2.11 18.82 6.14
CA LYS A 23 -2.73 17.51 6.21
C LYS A 23 -1.93 16.53 7.08
N GLU A 24 -0.61 16.71 7.18
CA GLU A 24 0.25 15.78 7.89
C GLU A 24 0.18 15.99 9.40
N PRO A 25 -0.44 15.08 10.16
CA PRO A 25 -0.62 15.34 11.60
C PRO A 25 0.68 15.51 12.37
N MET A 26 1.75 14.82 11.98
CA MET A 26 3.02 14.99 12.70
C MET A 26 3.65 16.35 12.47
N TRP A 27 3.29 17.04 11.39
CA TRP A 27 3.83 18.36 11.07
C TRP A 27 2.83 19.49 11.29
N ALA A 28 1.61 19.18 11.71
CA ALA A 28 0.54 20.16 11.69
C ALA A 28 0.43 20.93 12.99
N ASP A 29 0.01 22.19 12.88
CA ASP A 29 -0.40 22.99 14.02
C ASP A 29 -1.89 22.79 14.22
N LEU A 30 -2.29 22.47 15.45
CA LEU A 30 -3.70 22.28 15.78
C LEU A 30 -4.35 23.66 15.88
N LEU A 31 -5.01 24.09 14.80
CA LEU A 31 -5.57 25.43 14.75
C LEU A 31 -6.84 25.55 15.59
N ALA A 32 -7.67 24.52 15.60
CA ALA A 32 -8.95 24.60 16.29
C ALA A 32 -9.39 23.21 16.71
N LEU A 33 -10.22 23.17 17.74
CA LEU A 33 -10.75 21.93 18.28
C LEU A 33 -12.14 22.20 18.85
N ALA A 34 -13.06 21.27 18.62
CA ALA A 34 -14.42 21.40 19.09
C ALA A 34 -15.01 20.02 19.33
N ALA A 35 -16.20 19.98 19.92
CA ALA A 35 -16.86 18.73 20.23
C ALA A 35 -18.36 18.94 20.26
N ALA A 36 -19.10 17.88 19.90
CA ALA A 36 -20.54 17.94 19.80
C ALA A 36 -21.18 16.72 20.45
N ARG A 37 -22.26 16.94 21.18
CA ARG A 37 -23.01 15.84 21.80
C ARG A 37 -24.26 16.39 22.45
N GLY A 38 -25.33 15.60 22.43
CA GLY A 38 -26.55 15.98 23.10
C GLY A 38 -27.13 17.30 22.63
N GLY A 39 -27.04 17.57 21.33
CA GLY A 39 -27.55 18.82 20.79
C GLY A 39 -26.72 20.04 21.11
N ARG A 40 -25.51 19.86 21.63
CA ARG A 40 -24.63 20.96 22.02
C ARG A 40 -23.35 20.90 21.21
N VAL A 41 -22.68 22.06 21.11
CA VAL A 41 -21.39 22.16 20.48
C VAL A 41 -20.46 22.89 21.43
N HIS A 42 -19.29 22.31 21.69
CA HIS A 42 -18.31 22.87 22.62
C HIS A 42 -17.06 23.24 21.83
N ARG A 43 -16.70 24.52 21.85
CA ARG A 43 -15.54 25.03 21.15
C ARG A 43 -14.45 25.38 22.15
N ALA A 44 -13.24 24.85 21.93
CA ALA A 44 -12.17 24.97 22.91
C ALA A 44 -11.47 26.31 22.80
N PRO A 45 -11.23 27.03 23.90
CA PRO A 45 -10.48 28.28 23.80
C PRO A 45 -9.07 28.06 23.29
N GLU A 46 -8.31 27.20 23.94
N GLU A 46 -8.32 27.16 23.91
CA GLU A 46 -6.95 26.87 23.51
CA GLU A 46 -6.94 26.86 23.52
C GLU A 46 -6.93 25.40 23.07
C GLU A 46 -6.86 25.40 23.08
N PRO A 47 -6.88 25.11 21.77
CA PRO A 47 -7.02 23.71 21.33
C PRO A 47 -5.98 22.76 21.90
N TYR A 48 -4.73 23.18 22.04
CA TYR A 48 -3.70 22.26 22.50
C TYR A 48 -3.99 21.75 23.92
N LYS A 49 -4.21 22.68 24.86
CA LYS A 49 -4.53 22.26 26.22
C LYS A 49 -5.87 21.53 26.30
N ALA A 50 -6.80 21.86 25.40
CA ALA A 50 -8.10 21.21 25.39
C ALA A 50 -8.01 19.73 25.03
N LEU A 51 -6.96 19.31 24.32
CA LEU A 51 -6.77 17.89 24.03
C LEU A 51 -6.73 17.07 25.32
N ARG A 52 -6.07 17.60 26.36
CA ARG A 52 -5.90 16.85 27.59
C ARG A 52 -7.23 16.47 28.23
N ASP A 53 -8.32 17.17 27.88
CA ASP A 53 -9.61 16.89 28.48
C ASP A 53 -10.31 15.71 27.83
N LEU A 54 -9.96 15.36 26.60
CA LEU A 54 -10.61 14.27 25.90
C LEU A 54 -10.01 12.94 26.31
N LYS A 55 -10.88 11.93 26.42
CA LYS A 55 -10.44 10.56 26.67
C LYS A 55 -10.37 9.73 25.40
N GLU A 56 -10.79 10.28 24.26
CA GLU A 56 -10.89 9.52 23.03
C GLU A 56 -11.08 10.50 21.87
N ALA A 57 -10.49 10.18 20.73
CA ALA A 57 -10.73 10.92 19.50
C ALA A 57 -11.84 10.20 18.74
N ARG A 58 -13.04 10.77 18.77
CA ARG A 58 -14.23 10.16 18.20
C ARG A 58 -14.80 11.09 17.15
N GLY A 59 -14.65 10.73 15.88
CA GLY A 59 -15.17 11.55 14.81
C GLY A 59 -14.39 11.34 13.52
N LEU A 60 -14.69 12.20 12.55
CA LEU A 60 -14.04 12.12 11.24
C LEU A 60 -12.53 12.25 11.40
N LEU A 61 -11.80 11.38 10.70
CA LEU A 61 -10.33 11.41 10.68
C LEU A 61 -9.76 11.34 12.09
N ALA A 62 -10.34 10.48 12.93
CA ALA A 62 -9.94 10.39 14.32
C ALA A 62 -8.46 10.02 14.47
N LYS A 63 -7.95 9.16 13.60
CA LYS A 63 -6.56 8.73 13.72
C LYS A 63 -5.60 9.92 13.59
N ASP A 64 -5.93 10.87 12.70
CA ASP A 64 -5.05 12.02 12.50
C ASP A 64 -4.89 12.83 13.79
N LEU A 65 -6.00 13.07 14.51
CA LEU A 65 -5.91 13.80 15.77
C LEU A 65 -5.19 12.99 16.83
N SER A 66 -5.37 11.66 16.81
CA SER A 66 -4.65 10.81 17.75
C SER A 66 -3.15 10.86 17.52
N VAL A 67 -2.72 10.91 16.26
CA VAL A 67 -1.29 10.99 15.96
C VAL A 67 -0.71 12.27 16.51
N LEU A 68 -1.40 13.40 16.29
CA LEU A 68 -0.92 14.68 16.79
C LEU A 68 -0.87 14.68 18.32
N ALA A 69 -1.79 13.98 18.98
CA ALA A 69 -1.76 13.91 20.43
C ALA A 69 -0.57 13.10 20.91
N LEU A 70 -0.27 11.99 20.24
CA LEU A 70 0.92 11.22 20.57
C LEU A 70 2.17 12.06 20.38
N ARG A 71 2.19 12.89 19.34
CA ARG A 71 3.31 13.80 19.11
C ARG A 71 3.54 14.70 20.32
N GLU A 72 2.47 15.08 21.01
CA GLU A 72 2.56 15.95 22.17
C GLU A 72 2.66 15.17 23.48
N GLY A 73 2.91 13.86 23.42
CA GLY A 73 3.05 13.06 24.61
C GLY A 73 1.75 12.68 25.28
N LEU A 74 0.63 12.74 24.56
CA LEU A 74 -0.67 12.43 25.12
C LEU A 74 -1.20 11.12 24.52
N GLY A 75 -1.71 10.24 25.37
CA GLY A 75 -2.30 9.01 24.91
C GLY A 75 -3.79 9.18 24.67
N LEU A 76 -4.14 9.77 23.53
CA LEU A 76 -5.53 9.98 23.13
C LEU A 76 -5.87 9.00 22.02
N PRO A 77 -6.44 7.84 22.33
CA PRO A 77 -6.64 6.83 21.29
C PRO A 77 -7.79 7.20 20.38
N PRO A 78 -7.77 6.75 19.13
CA PRO A 78 -8.91 7.00 18.24
C PRO A 78 -10.02 5.99 18.44
N GLY A 79 -11.25 6.48 18.39
CA GLY A 79 -12.42 5.62 18.53
C GLY A 79 -13.22 5.57 17.26
N ASP A 80 -14.54 5.78 17.37
CA ASP A 80 -15.39 5.75 16.19
C ASP A 80 -14.94 6.81 15.19
N ASP A 81 -15.08 6.48 13.91
CA ASP A 81 -14.82 7.42 12.82
C ASP A 81 -15.81 7.12 11.71
N PRO A 82 -16.71 8.05 11.38
CA PRO A 82 -17.66 7.79 10.28
C PRO A 82 -16.98 7.39 8.98
N MET A 83 -15.74 7.83 8.74
CA MET A 83 -15.05 7.46 7.51
C MET A 83 -14.89 5.96 7.40
N LEU A 84 -14.61 5.29 8.51
CA LEU A 84 -14.42 3.84 8.48
C LEU A 84 -15.74 3.12 8.20
N LEU A 85 -16.84 3.62 8.78
CA LEU A 85 -18.14 3.06 8.48
C LEU A 85 -18.48 3.22 7.00
N ALA A 86 -18.29 4.43 6.47
CA ALA A 86 -18.58 4.66 5.06
C ALA A 86 -17.67 3.81 4.17
N TYR A 87 -16.40 3.69 4.54
CA TYR A 87 -15.45 2.94 3.74
C TYR A 87 -15.83 1.46 3.65
N LEU A 88 -16.40 0.92 4.74
CA LEU A 88 -16.84 -0.47 4.72
C LEU A 88 -18.12 -0.64 3.91
N LEU A 89 -19.03 0.34 3.99
CA LEU A 89 -20.24 0.29 3.18
C LEU A 89 -19.90 0.27 1.70
N ASP A 90 -18.95 1.11 1.28
CA ASP A 90 -18.54 1.23 -0.11
C ASP A 90 -17.14 1.82 -0.12
N PRO A 91 -16.11 1.06 -0.49
CA PRO A 91 -14.74 1.59 -0.41
C PRO A 91 -14.46 2.73 -1.37
N SER A 92 -15.40 3.11 -2.24
CA SER A 92 -15.27 4.35 -2.99
C SER A 92 -15.43 5.57 -2.09
N ASN A 93 -15.91 5.39 -0.86
CA ASN A 93 -16.02 6.46 0.12
C ASN A 93 -14.64 6.65 0.74
N THR A 94 -13.86 7.57 0.16
CA THR A 94 -12.47 7.76 0.55
C THR A 94 -12.18 9.10 1.21
N THR A 95 -12.99 10.13 0.98
CA THR A 95 -12.72 11.45 1.50
C THR A 95 -13.91 11.96 2.30
N PRO A 96 -13.67 12.82 3.29
CA PRO A 96 -14.80 13.38 4.04
C PRO A 96 -15.69 14.30 3.20
N GLU A 97 -15.14 14.92 2.16
CA GLU A 97 -15.96 15.73 1.27
C GLU A 97 -17.07 14.88 0.64
N GLY A 98 -16.71 13.72 0.11
CA GLY A 98 -17.71 12.87 -0.51
C GLY A 98 -18.68 12.28 0.51
N VAL A 99 -18.15 11.78 1.62
CA VAL A 99 -19.00 11.15 2.63
C VAL A 99 -20.03 12.14 3.15
N ALA A 100 -19.58 13.36 3.47
CA ALA A 100 -20.50 14.39 3.95
C ALA A 100 -21.62 14.63 2.96
N ARG A 101 -21.29 14.74 1.68
CA ARG A 101 -22.31 14.98 0.65
C ARG A 101 -23.26 13.81 0.53
N ARG A 102 -22.79 12.59 0.76
CA ARG A 102 -23.58 11.41 0.50
C ARG A 102 -24.46 10.98 1.66
N TYR A 103 -24.17 11.43 2.88
CA TYR A 103 -24.88 10.95 4.05
C TYR A 103 -25.38 12.07 4.96
N GLY A 104 -25.45 13.31 4.46
CA GLY A 104 -26.21 14.35 5.12
C GLY A 104 -25.41 15.45 5.79
N GLY A 105 -24.48 16.06 5.08
CA GLY A 105 -23.77 17.18 5.65
C GLY A 105 -22.86 17.84 4.63
N GLU A 106 -22.02 18.74 5.14
CA GLU A 106 -21.02 19.43 4.33
C GLU A 106 -19.73 19.55 5.13
N TRP A 107 -18.61 19.21 4.49
CA TRP A 107 -17.30 19.24 5.13
C TRP A 107 -16.70 20.63 4.93
N THR A 108 -16.67 21.43 5.99
CA THR A 108 -16.20 22.80 5.92
C THR A 108 -14.77 22.88 6.49
N GLU A 109 -14.38 24.07 6.95
CA GLU A 109 -13.05 24.30 7.51
C GLU A 109 -13.15 24.82 8.95
N GLU A 110 -14.22 24.47 9.66
CA GLU A 110 -14.45 24.95 11.02
C GLU A 110 -14.63 23.76 11.94
N ALA A 111 -13.88 23.77 13.05
CA ALA A 111 -13.86 22.60 13.95
C ALA A 111 -15.25 22.29 14.49
N GLY A 112 -16.01 23.31 14.90
CA GLY A 112 -17.34 23.06 15.44
C GLY A 112 -18.24 22.38 14.43
N GLU A 113 -18.31 22.92 13.21
CA GLU A 113 -19.12 22.31 12.17
C GLU A 113 -18.65 20.90 11.84
N ARG A 114 -17.33 20.66 11.93
CA ARG A 114 -16.80 19.31 11.71
C ARG A 114 -17.17 18.38 12.86
N ALA A 115 -17.25 18.89 14.09
CA ALA A 115 -17.71 18.07 15.20
C ALA A 115 -19.18 17.70 15.02
N ALA A 116 -20.03 18.68 14.71
CA ALA A 116 -21.44 18.40 14.49
C ALA A 116 -21.63 17.45 13.31
N LEU A 117 -20.85 17.65 12.25
CA LEU A 117 -20.91 16.76 11.09
C LEU A 117 -20.54 15.33 11.49
N SER A 118 -19.50 15.17 12.31
CA SER A 118 -19.11 13.85 12.77
C SER A 118 -20.27 13.17 13.49
N GLU A 119 -21.00 13.92 14.32
CA GLU A 119 -22.12 13.34 15.05
C GLU A 119 -23.22 12.90 14.11
N ARG A 120 -23.66 13.78 13.21
CA ARG A 120 -24.76 13.44 12.30
C ARG A 120 -24.38 12.31 11.36
N LEU A 121 -23.15 12.34 10.82
CA LEU A 121 -22.75 11.29 9.89
C LEU A 121 -22.66 9.94 10.59
N PHE A 122 -22.21 9.91 11.84
CA PHE A 122 -22.13 8.65 12.56
C PHE A 122 -23.53 8.05 12.78
N ALA A 123 -24.49 8.88 13.18
CA ALA A 123 -25.84 8.38 13.39
C ALA A 123 -26.40 7.76 12.12
N ASN A 124 -26.19 8.41 10.97
CA ASN A 124 -26.78 7.94 9.73
C ASN A 124 -26.04 6.71 9.21
N LEU A 125 -24.71 6.70 9.28
CA LEU A 125 -23.93 5.58 8.78
C LEU A 125 -24.06 4.36 9.71
N TRP A 126 -24.04 4.58 11.02
CA TRP A 126 -24.29 3.47 11.94
C TRP A 126 -25.65 2.86 11.68
N GLY A 127 -26.64 3.69 11.34
CA GLY A 127 -27.95 3.16 11.01
C GLY A 127 -27.94 2.35 9.73
N ARG A 128 -27.21 2.80 8.72
CA ARG A 128 -27.13 2.05 7.47
C ARG A 128 -26.37 0.74 7.61
N LEU A 129 -25.72 0.51 8.75
CA LEU A 129 -24.92 -0.70 8.95
C LEU A 129 -25.61 -1.74 9.82
N GLU A 130 -26.68 -1.39 10.54
CA GLU A 130 -27.37 -2.41 11.32
C GLU A 130 -27.97 -3.44 10.39
N GLY A 131 -27.75 -4.71 10.70
CA GLY A 131 -28.12 -5.80 9.83
C GLY A 131 -26.99 -6.30 8.95
N GLU A 132 -25.97 -5.48 8.73
CA GLU A 132 -24.78 -5.89 7.97
C GLU A 132 -23.74 -6.43 8.95
N GLU A 133 -24.08 -7.58 9.54
CA GLU A 133 -23.31 -8.11 10.66
C GLU A 133 -21.86 -8.36 10.29
N ARG A 134 -21.58 -8.76 9.04
CA ARG A 134 -20.20 -8.99 8.64
C ARG A 134 -19.42 -7.68 8.56
N LEU A 135 -20.05 -6.63 8.02
CA LEU A 135 -19.38 -5.33 7.97
C LEU A 135 -19.16 -4.78 9.38
N LEU A 136 -20.15 -4.92 10.26
CA LEU A 136 -19.98 -4.48 11.64
C LEU A 136 -18.84 -5.23 12.32
N TRP A 137 -18.72 -6.53 12.05
CA TRP A 137 -17.61 -7.30 12.60
C TRP A 137 -16.27 -6.73 12.13
N LEU A 138 -16.16 -6.44 10.83
CA LEU A 138 -14.95 -5.81 10.32
C LEU A 138 -14.68 -4.49 11.03
N TYR A 139 -15.73 -3.70 11.25
CA TYR A 139 -15.55 -2.42 11.93
C TYR A 139 -15.05 -2.61 13.36
N ARG A 140 -15.75 -3.45 14.14
CA ARG A 140 -15.44 -3.59 15.57
C ARG A 140 -14.13 -4.35 15.80
N GLU A 141 -13.85 -5.35 14.97
CA GLU A 141 -12.75 -6.26 15.21
C GLU A 141 -11.52 -5.97 14.37
N VAL A 142 -11.64 -5.16 13.31
CA VAL A 142 -10.49 -4.87 12.45
C VAL A 142 -10.24 -3.37 12.36
N GLU A 143 -11.15 -2.64 11.71
CA GLU A 143 -10.84 -1.27 11.29
C GLU A 143 -10.70 -0.34 12.49
N ARG A 144 -11.68 -0.34 13.40
CA ARG A 144 -11.58 0.57 14.54
C ARG A 144 -10.38 0.25 15.42
N PRO A 145 -10.13 -1.00 15.82
CA PRO A 145 -8.89 -1.28 16.56
C PRO A 145 -7.63 -0.96 15.74
N LEU A 146 -7.68 -1.17 14.42
CA LEU A 146 -6.51 -0.93 13.59
C LEU A 146 -6.13 0.55 13.58
N SER A 147 -7.12 1.44 13.58
CA SER A 147 -6.80 2.86 13.57
C SER A 147 -5.88 3.21 14.74
N ALA A 148 -6.09 2.57 15.89
CA ALA A 148 -5.23 2.81 17.04
C ALA A 148 -3.81 2.32 16.77
N VAL A 149 -3.67 1.16 16.15
CA VAL A 149 -2.34 0.64 15.83
C VAL A 149 -1.63 1.58 14.87
N LEU A 150 -2.33 2.03 13.83
CA LEU A 150 -1.72 2.90 12.84
C LEU A 150 -1.27 4.21 13.45
N ALA A 151 -2.07 4.77 14.37
CA ALA A 151 -1.70 6.03 14.98
C ALA A 151 -0.35 5.92 15.68
N HIS A 152 -0.12 4.80 16.37
CA HIS A 152 1.17 4.58 17.04
C HIS A 152 2.29 4.39 16.04
N MET A 153 2.04 3.65 14.96
CA MET A 153 3.04 3.49 13.92
C MET A 153 3.42 4.85 13.35
N GLU A 154 2.43 5.66 12.99
CA GLU A 154 2.71 6.95 12.38
C GLU A 154 3.52 7.84 13.31
N ALA A 155 3.17 7.86 14.60
CA ALA A 155 3.86 8.72 15.55
C ALA A 155 5.24 8.20 15.93
N THR A 156 5.51 6.91 15.73
CA THR A 156 6.80 6.36 16.08
C THR A 156 7.86 6.69 15.02
N GLY A 157 7.52 6.48 13.75
CA GLY A 157 8.45 6.77 12.67
C GLY A 157 9.54 5.72 12.56
N VAL A 158 10.45 5.95 11.63
CA VAL A 158 11.55 5.05 11.37
C VAL A 158 12.83 5.87 11.22
N ARG A 159 13.93 5.30 11.68
CA ARG A 159 15.23 5.97 11.61
C ARG A 159 15.81 5.85 10.21
N LEU A 160 16.49 6.90 9.77
CA LEU A 160 17.07 6.98 8.45
C LEU A 160 18.50 7.52 8.54
N ASP A 161 19.41 6.93 7.77
CA ASP A 161 20.80 7.37 7.77
C ASP A 161 20.93 8.55 6.81
N VAL A 162 20.82 9.76 7.35
CA VAL A 162 20.78 10.97 6.53
C VAL A 162 22.12 11.20 5.84
N ALA A 163 23.20 11.32 6.62
CA ALA A 163 24.51 11.58 6.04
C ALA A 163 24.82 10.59 4.92
N TYR A 164 24.42 9.34 5.10
CA TYR A 164 24.63 8.31 4.09
C TYR A 164 23.95 8.67 2.78
N LEU A 165 22.66 9.06 2.84
CA LEU A 165 21.94 9.42 1.63
C LEU A 165 22.48 10.72 1.03
N ARG A 166 22.85 11.68 1.88
CA ARG A 166 23.47 12.90 1.39
C ARG A 166 24.70 12.57 0.55
N ALA A 167 25.61 11.76 1.09
CA ALA A 167 26.79 11.37 0.33
C ALA A 167 26.39 10.63 -0.94
N LEU A 168 25.40 9.74 -0.83
CA LEU A 168 24.96 8.99 -2.00
C LEU A 168 24.46 9.92 -3.11
N SER A 169 23.75 10.98 -2.74
CA SER A 169 23.22 11.91 -3.73
C SER A 169 24.34 12.49 -4.60
N LEU A 170 25.44 12.93 -3.96
CA LEU A 170 26.53 13.52 -4.73
C LEU A 170 27.13 12.52 -5.70
N GLU A 171 27.28 11.26 -5.27
CA GLU A 171 27.79 10.21 -6.16
C GLU A 171 26.86 10.01 -7.36
N VAL A 172 25.56 9.88 -7.09
CA VAL A 172 24.61 9.66 -8.18
C VAL A 172 24.57 10.87 -9.11
N ALA A 173 24.70 12.07 -8.55
CA ALA A 173 24.73 13.28 -9.37
C ALA A 173 25.84 13.22 -10.42
N GLU A 174 27.04 12.81 -10.00
CA GLU A 174 28.16 12.74 -10.94
C GLU A 174 27.89 11.69 -12.02
N GLU A 175 27.28 10.56 -11.64
CA GLU A 175 26.97 9.53 -12.63
C GLU A 175 25.90 10.00 -13.59
N ILE A 176 24.92 10.76 -13.11
CA ILE A 176 23.88 11.28 -13.99
C ILE A 176 24.48 12.23 -15.03
N ALA A 177 25.42 13.07 -14.61
CA ALA A 177 26.03 14.01 -15.54
C ALA A 177 26.77 13.29 -16.66
N ARG A 178 27.44 12.18 -16.32
CA ARG A 178 28.12 11.38 -17.34
C ARG A 178 27.12 10.83 -18.36
N LEU A 179 25.98 10.33 -17.89
CA LEU A 179 25.00 9.75 -18.80
C LEU A 179 24.35 10.83 -19.67
N GLU A 180 23.95 11.95 -19.07
CA GLU A 180 23.30 13.00 -19.84
C GLU A 180 24.26 13.64 -20.84
N ALA A 181 25.56 13.68 -20.51
CA ALA A 181 26.53 14.23 -21.46
C ALA A 181 26.67 13.36 -22.69
N GLU A 182 26.62 12.03 -22.52
CA GLU A 182 26.70 11.14 -23.67
C GLU A 182 25.39 11.16 -24.47
N VAL A 183 24.25 11.25 -23.77
CA VAL A 183 22.98 11.33 -24.47
C VAL A 183 22.95 12.55 -25.38
N PHE A 184 23.35 13.70 -24.84
CA PHE A 184 23.37 14.93 -25.64
C PHE A 184 24.28 14.79 -26.85
N ARG A 185 25.51 14.32 -26.63
CA ARG A 185 26.43 14.12 -27.74
C ARG A 185 25.81 13.21 -28.80
N LEU A 186 25.26 12.08 -28.38
CA LEU A 186 24.67 11.13 -29.34
C LEU A 186 23.48 11.74 -30.05
N ALA A 187 22.72 12.60 -29.37
CA ALA A 187 21.64 13.31 -30.03
C ALA A 187 22.15 14.43 -30.93
N GLY A 188 23.43 14.76 -30.86
CA GLY A 188 23.99 15.85 -31.62
C GLY A 188 23.78 17.22 -31.01
N HIS A 189 23.04 17.32 -29.91
CA HIS A 189 22.73 18.60 -29.30
C HIS A 189 22.11 18.34 -27.93
N PRO A 190 22.11 19.33 -27.05
CA PRO A 190 21.47 19.18 -25.75
C PRO A 190 20.00 19.56 -25.77
N PHE A 191 19.26 18.96 -24.84
CA PHE A 191 17.85 19.24 -24.62
C PHE A 191 17.52 18.83 -23.20
N ASN A 192 16.25 19.01 -22.81
CA ASN A 192 15.80 18.59 -21.49
C ASN A 192 15.48 17.10 -21.54
N LEU A 193 16.43 16.28 -21.07
CA LEU A 193 16.23 14.83 -21.08
C LEU A 193 15.13 14.39 -20.11
N ASN A 194 14.71 15.26 -19.18
CA ASN A 194 13.58 14.97 -18.31
C ASN A 194 12.24 15.20 -18.97
N SER A 195 12.21 15.91 -20.11
CA SER A 195 10.98 16.18 -20.83
C SER A 195 10.74 15.05 -21.82
N ARG A 196 9.68 14.28 -21.60
CA ARG A 196 9.41 13.17 -22.50
C ARG A 196 8.95 13.68 -23.87
N ASP A 197 8.34 14.87 -23.92
CA ASP A 197 7.97 15.46 -25.22
C ASP A 197 9.21 15.74 -26.06
N GLN A 198 10.22 16.37 -25.45
CA GLN A 198 11.45 16.65 -26.17
C GLN A 198 12.16 15.36 -26.57
N LEU A 199 12.21 14.38 -25.65
CA LEU A 199 12.83 13.10 -25.98
C LEU A 199 12.10 12.41 -27.12
N GLU A 200 10.77 12.52 -27.16
CA GLU A 200 10.01 11.90 -28.25
C GLU A 200 10.52 12.35 -29.61
N ARG A 201 10.69 13.66 -29.78
CA ARG A 201 11.16 14.19 -31.07
C ARG A 201 12.53 13.63 -31.42
N VAL A 202 13.45 13.63 -30.46
CA VAL A 202 14.80 13.16 -30.74
C VAL A 202 14.78 11.72 -31.21
N LEU A 203 14.07 10.85 -30.50
CA LEU A 203 14.10 9.43 -30.82
C LEU A 203 13.41 9.13 -32.14
N PHE A 204 12.20 9.67 -32.32
CA PHE A 204 11.35 9.24 -33.44
C PHE A 204 11.35 10.21 -34.61
N ASP A 205 11.68 11.48 -34.42
CA ASP A 205 11.75 12.44 -35.51
C ASP A 205 13.19 12.66 -35.99
N GLU A 206 14.05 13.17 -35.11
CA GLU A 206 15.44 13.41 -35.49
C GLU A 206 16.12 12.09 -35.84
N LEU A 207 16.30 11.22 -34.85
CA LEU A 207 16.69 9.85 -35.14
C LEU A 207 15.55 9.12 -35.84
N GLY A 208 15.88 8.01 -36.48
CA GLY A 208 14.90 7.34 -37.31
C GLY A 208 14.16 6.21 -36.62
N LEU A 209 14.21 6.19 -35.29
CA LEU A 209 13.70 5.04 -34.56
C LEU A 209 12.20 4.90 -34.77
N PRO A 210 11.68 3.67 -34.77
CA PRO A 210 10.24 3.47 -34.94
C PRO A 210 9.48 3.61 -33.64
N ALA A 211 8.24 4.07 -33.76
CA ALA A 211 7.37 4.22 -32.62
C ALA A 211 6.71 2.88 -32.32
N ILE A 212 6.79 2.46 -31.06
CA ILE A 212 6.23 1.17 -30.68
C ILE A 212 4.79 1.31 -30.19
N GLY A 213 4.45 2.42 -29.54
CA GLY A 213 3.10 2.58 -29.02
C GLY A 213 2.80 4.04 -28.73
N LYS A 214 1.52 4.29 -28.48
CA LYS A 214 1.00 5.62 -28.21
C LYS A 214 0.60 5.74 -26.74
N THR A 215 0.55 6.99 -26.26
CA THR A 215 0.12 7.26 -24.90
C THR A 215 -1.41 7.29 -24.84
N GLU A 216 -1.94 7.13 -23.63
CA GLU A 216 -3.36 6.85 -23.44
C GLU A 216 -4.22 8.08 -23.75
N LYS A 217 -3.96 9.19 -23.08
CA LYS A 217 -4.88 10.32 -23.12
C LYS A 217 -4.65 11.24 -24.31
N THR A 218 -3.40 11.42 -24.72
CA THR A 218 -3.06 12.40 -25.76
C THR A 218 -2.50 11.78 -27.03
N GLY A 219 -2.28 10.47 -27.07
CA GLY A 219 -1.88 9.83 -28.30
C GLY A 219 -0.51 10.22 -28.81
N LYS A 220 0.40 10.62 -27.93
CA LYS A 220 1.77 10.87 -28.34
C LYS A 220 2.52 9.55 -28.47
N ARG A 221 3.67 9.61 -29.14
CA ARG A 221 4.53 8.43 -29.26
C ARG A 221 5.23 8.17 -27.93
N SER A 222 4.99 6.99 -27.36
CA SER A 222 5.46 6.71 -26.01
C SER A 222 6.97 6.56 -25.97
N THR A 223 7.56 6.90 -24.82
CA THR A 223 8.97 6.68 -24.54
C THR A 223 9.14 5.91 -23.24
N SER A 224 8.15 5.09 -22.90
CA SER A 224 8.20 4.31 -21.67
C SER A 224 9.30 3.26 -21.74
N ALA A 225 9.61 2.69 -20.57
CA ALA A 225 10.65 1.68 -20.49
C ALA A 225 10.34 0.50 -21.40
N ALA A 226 9.09 0.07 -21.46
CA ALA A 226 8.72 -1.05 -22.32
C ALA A 226 9.01 -0.73 -23.78
N VAL A 227 8.87 0.53 -24.18
CA VAL A 227 9.18 0.93 -25.55
C VAL A 227 10.67 1.02 -25.75
N LEU A 228 11.38 1.69 -24.84
CA LEU A 228 12.82 1.82 -24.96
C LEU A 228 13.50 0.45 -24.89
N GLU A 229 12.97 -0.43 -24.04
CA GLU A 229 13.51 -1.79 -23.97
C GLU A 229 13.40 -2.49 -25.33
N ALA A 230 12.27 -2.29 -26.02
CA ALA A 230 12.10 -2.87 -27.35
C ALA A 230 13.02 -2.22 -28.39
N LEU A 231 13.47 -0.99 -28.13
CA LEU A 231 14.38 -0.28 -29.03
C LEU A 231 15.83 -0.38 -28.57
N ARG A 232 16.14 -1.30 -27.66
CA ARG A 232 17.47 -1.31 -27.05
C ARG A 232 18.58 -1.46 -28.09
N GLU A 233 18.38 -2.36 -29.06
CA GLU A 233 19.41 -2.60 -30.06
C GLU A 233 19.35 -1.62 -31.22
N ALA A 234 18.22 -0.94 -31.42
CA ALA A 234 18.06 -0.04 -32.55
C ALA A 234 19.04 1.13 -32.51
N HIS A 235 19.57 1.46 -31.34
CA HIS A 235 20.47 2.60 -31.22
C HIS A 235 21.15 2.58 -29.86
N PRO A 236 22.41 2.99 -29.75
CA PRO A 236 23.06 2.96 -28.44
C PRO A 236 22.46 3.94 -27.44
N ILE A 237 21.95 5.08 -27.91
CA ILE A 237 21.44 6.11 -27.00
C ILE A 237 20.35 5.54 -26.09
N VAL A 238 19.60 4.54 -26.57
CA VAL A 238 18.48 4.01 -25.80
C VAL A 238 18.98 3.45 -24.48
N GLU A 239 20.06 2.65 -24.53
CA GLU A 239 20.59 2.04 -23.32
C GLU A 239 20.90 3.09 -22.26
N LYS A 240 21.47 4.22 -22.67
CA LYS A 240 21.86 5.24 -21.71
C LYS A 240 20.63 5.98 -21.16
N ILE A 241 19.59 6.15 -21.97
CA ILE A 241 18.37 6.79 -21.48
C ILE A 241 17.74 5.96 -20.38
N LEU A 242 17.81 4.63 -20.49
CA LEU A 242 17.23 3.77 -19.47
C LEU A 242 18.02 3.89 -18.16
N GLN A 243 19.35 3.97 -18.25
CA GLN A 243 20.16 4.17 -17.05
C GLN A 243 19.95 5.58 -16.48
N TYR A 244 19.80 6.56 -17.36
CA TYR A 244 19.47 7.91 -16.90
C TYR A 244 18.14 7.93 -16.16
N ARG A 245 17.13 7.24 -16.71
CA ARG A 245 15.81 7.22 -16.09
C ARG A 245 15.85 6.54 -14.72
N GLU A 246 16.55 5.42 -14.61
CA GLU A 246 16.66 4.74 -13.31
C GLU A 246 17.24 5.68 -12.26
N LEU A 247 18.35 6.35 -12.59
CA LEU A 247 19.06 7.13 -11.59
C LEU A 247 18.30 8.39 -11.19
N THR A 248 17.75 9.11 -12.17
CA THR A 248 16.98 10.31 -11.84
C THR A 248 15.70 9.97 -11.09
N LYS A 249 15.10 8.82 -11.38
CA LYS A 249 13.92 8.38 -10.64
C LYS A 249 14.25 8.18 -9.17
N LEU A 250 15.33 7.46 -8.88
CA LEU A 250 15.67 7.16 -7.50
C LEU A 250 16.18 8.41 -6.79
N LYS A 251 16.90 9.28 -7.49
CA LYS A 251 17.44 10.48 -6.85
C LYS A 251 16.34 11.47 -6.52
N SER A 252 15.47 11.77 -7.49
CA SER A 252 14.43 12.78 -7.27
C SER A 252 13.32 12.29 -6.36
N THR A 253 13.09 10.97 -6.28
CA THR A 253 11.99 10.43 -5.49
C THR A 253 12.38 10.02 -4.08
N TYR A 254 13.60 9.49 -3.89
CA TYR A 254 14.00 8.95 -2.60
C TYR A 254 15.23 9.63 -2.02
N ILE A 255 16.35 9.63 -2.75
CA ILE A 255 17.63 10.06 -2.18
C ILE A 255 17.55 11.49 -1.67
N ASP A 256 16.95 12.39 -2.45
CA ASP A 256 17.00 13.80 -2.10
C ASP A 256 15.83 14.20 -1.19
N PRO A 257 14.60 13.77 -1.47
CA PRO A 257 13.49 14.23 -0.63
C PRO A 257 13.49 13.67 0.78
N LEU A 258 13.85 12.40 0.95
CA LEU A 258 13.67 11.75 2.24
C LEU A 258 14.51 12.39 3.35
N PRO A 259 15.79 12.71 3.15
CA PRO A 259 16.54 13.34 4.25
C PRO A 259 15.95 14.66 4.73
N ASP A 260 15.27 15.40 3.87
CA ASP A 260 14.69 16.68 4.24
C ASP A 260 13.38 16.54 5.00
N LEU A 261 12.94 15.31 5.31
CA LEU A 261 11.67 15.07 5.96
C LEU A 261 11.83 14.54 7.38
N ILE A 262 13.04 14.54 7.93
CA ILE A 262 13.25 14.11 9.30
C ILE A 262 12.57 15.09 10.25
N HIS A 263 11.87 14.56 11.23
CA HIS A 263 11.11 15.40 12.15
C HIS A 263 12.05 15.99 13.21
N PRO A 264 11.96 17.29 13.49
CA PRO A 264 12.93 17.89 14.43
C PRO A 264 12.83 17.36 15.85
N ARG A 265 11.62 17.00 16.30
CA ARG A 265 11.46 16.49 17.66
C ARG A 265 11.87 15.03 17.76
N THR A 266 11.45 14.20 16.82
CA THR A 266 11.69 12.77 16.89
C THR A 266 13.02 12.35 16.29
N GLY A 267 13.52 13.08 15.30
CA GLY A 267 14.72 12.66 14.60
C GLY A 267 14.49 11.46 13.70
N ARG A 268 13.25 11.16 13.37
CA ARG A 268 12.90 10.00 12.56
C ARG A 268 12.01 10.44 11.41
N LEU A 269 11.70 9.49 10.54
CA LEU A 269 10.89 9.72 9.35
C LEU A 269 9.48 9.19 9.58
N HIS A 270 8.47 10.02 9.30
CA HIS A 270 7.09 9.70 9.66
C HIS A 270 6.20 9.70 8.42
N THR A 271 5.63 8.54 8.10
CA THR A 271 4.68 8.42 7.03
C THR A 271 3.26 8.51 7.57
N ARG A 272 2.29 8.39 6.67
CA ARG A 272 0.87 8.31 7.02
C ARG A 272 0.31 7.04 6.40
N PHE A 273 -0.40 6.25 7.20
CA PHE A 273 -1.04 5.03 6.70
C PHE A 273 -2.53 5.31 6.51
N ASN A 274 -2.90 5.52 5.26
CA ASN A 274 -4.27 5.90 4.94
C ASN A 274 -5.16 4.67 4.93
N GLN A 275 -6.22 4.71 5.73
CA GLN A 275 -7.06 3.56 6.02
C GLN A 275 -8.27 3.44 5.11
N THR A 276 -8.63 4.50 4.37
CA THR A 276 -9.81 4.49 3.51
C THR A 276 -9.44 5.03 2.12
N ALA A 277 -8.44 4.39 1.50
CA ALA A 277 -7.86 4.92 0.26
C ALA A 277 -7.84 3.96 -0.91
N THR A 278 -8.13 2.67 -0.71
CA THR A 278 -8.04 1.69 -1.78
C THR A 278 -9.35 0.95 -1.93
N ALA A 279 -9.61 0.47 -3.15
CA ALA A 279 -10.86 -0.21 -3.46
C ALA A 279 -10.89 -1.64 -2.96
N THR A 280 -9.76 -2.19 -2.52
CA THR A 280 -9.66 -3.60 -2.15
C THR A 280 -9.58 -3.83 -0.66
N GLY A 281 -9.37 -2.79 0.14
CA GLY A 281 -9.14 -2.93 1.55
C GLY A 281 -7.69 -2.83 1.99
N ARG A 282 -6.77 -2.78 1.03
CA ARG A 282 -5.39 -2.48 1.36
C ARG A 282 -5.28 -1.13 2.05
N LEU A 283 -4.17 -0.96 2.78
CA LEU A 283 -3.76 0.37 3.21
C LEU A 283 -3.00 1.06 2.07
N SER A 284 -2.79 2.36 2.24
CA SER A 284 -1.84 3.09 1.42
C SER A 284 -0.95 3.90 2.35
N SER A 285 0.13 4.43 1.79
CA SER A 285 1.11 5.19 2.56
C SER A 285 1.48 6.44 1.78
N SER A 286 1.61 7.57 2.49
CA SER A 286 1.91 8.83 1.81
C SER A 286 2.61 9.81 2.75
N ASP A 287 3.24 10.81 2.13
CA ASP A 287 3.77 12.00 2.79
C ASP A 287 4.81 11.68 3.86
N PRO A 288 5.81 10.84 3.56
CA PRO A 288 6.10 10.15 2.31
C PRO A 288 5.53 8.73 2.25
N ASN A 289 5.25 8.25 1.05
CA ASN A 289 4.94 6.84 0.85
C ASN A 289 6.18 6.01 1.16
N LEU A 290 6.07 5.14 2.16
CA LEU A 290 7.14 4.20 2.51
C LEU A 290 6.80 2.78 2.09
N GLN A 291 5.77 2.60 1.27
CA GLN A 291 5.41 1.30 0.72
C GLN A 291 5.97 1.08 -0.68
N ASN A 292 6.81 1.98 -1.18
CA ASN A 292 7.46 1.80 -2.48
C ASN A 292 8.90 2.22 -2.40
N ILE A 293 9.57 1.90 -1.29
CA ILE A 293 11.01 2.15 -1.21
C ILE A 293 11.74 1.16 -2.12
N PRO A 294 12.76 1.59 -2.87
CA PRO A 294 13.38 0.68 -3.85
C PRO A 294 13.93 -0.59 -3.22
N VAL A 295 14.09 -1.61 -4.05
CA VAL A 295 14.67 -2.87 -3.61
C VAL A 295 15.19 -3.68 -4.80
N ARG A 296 14.77 -3.32 -6.02
CA ARG A 296 15.05 -4.15 -7.18
C ARG A 296 16.51 -4.06 -7.61
N THR A 297 17.02 -2.86 -7.82
CA THR A 297 18.34 -2.68 -8.41
C THR A 297 19.39 -2.51 -7.33
N PRO A 298 20.67 -2.69 -7.68
CA PRO A 298 21.74 -2.45 -6.68
C PRO A 298 21.64 -1.08 -6.05
N LEU A 299 21.42 -0.03 -6.84
CA LEU A 299 21.27 1.31 -6.28
C LEU A 299 20.05 1.37 -5.38
N GLY A 300 18.92 0.79 -5.82
CA GLY A 300 17.75 0.75 -4.98
C GLY A 300 18.03 0.10 -3.64
N GLN A 301 18.88 -0.93 -3.65
CA GLN A 301 19.24 -1.59 -2.39
C GLN A 301 20.06 -0.67 -1.50
N ARG A 302 20.98 0.11 -2.08
CA ARG A 302 21.71 1.08 -1.30
C ARG A 302 20.78 2.07 -0.63
N ILE A 303 19.70 2.44 -1.32
CA ILE A 303 18.73 3.36 -0.72
C ILE A 303 17.99 2.68 0.42
N ARG A 304 17.59 1.42 0.23
CA ARG A 304 16.87 0.71 1.29
C ARG A 304 17.74 0.54 2.52
N ARG A 305 19.06 0.39 2.34
CA ARG A 305 19.96 0.25 3.49
C ARG A 305 19.91 1.47 4.40
N ALA A 306 19.45 2.61 3.91
CA ALA A 306 19.39 3.82 4.74
C ALA A 306 18.36 3.72 5.85
N PHE A 307 17.41 2.79 5.75
CA PHE A 307 16.40 2.59 6.79
C PHE A 307 16.98 1.65 7.83
N ILE A 308 17.24 2.16 9.04
CA ILE A 308 18.07 1.50 10.03
C ILE A 308 17.35 1.49 11.39
N ALA A 309 17.90 0.70 12.30
CA ALA A 309 17.37 0.61 13.65
C ALA A 309 18.08 1.59 14.57
N GLU A 310 17.36 2.09 15.56
CA GLU A 310 17.97 2.92 16.58
C GLU A 310 19.10 2.16 17.25
N GLU A 311 20.04 2.91 17.82
CA GLU A 311 21.15 2.30 18.53
C GLU A 311 20.63 1.40 19.65
N GLY A 312 21.12 0.17 19.69
CA GLY A 312 20.69 -0.81 20.67
C GLY A 312 19.47 -1.61 20.27
N TRP A 313 18.96 -1.41 19.07
CA TRP A 313 17.79 -2.12 18.57
C TRP A 313 18.14 -2.83 17.26
N LEU A 314 17.17 -3.63 16.79
CA LEU A 314 17.29 -4.29 15.50
C LEU A 314 15.95 -4.21 14.79
N LEU A 315 16.02 -4.22 13.46
CA LEU A 315 14.82 -4.30 12.65
C LEU A 315 14.43 -5.76 12.46
N VAL A 316 13.13 -6.02 12.49
CA VAL A 316 12.58 -7.34 12.22
C VAL A 316 11.58 -7.19 11.08
N ALA A 317 11.83 -7.91 9.99
CA ALA A 317 10.98 -7.85 8.81
C ALA A 317 10.29 -9.20 8.60
N LEU A 318 8.96 -9.18 8.51
CA LEU A 318 8.16 -10.38 8.29
C LEU A 318 7.31 -10.18 7.04
N ASP A 319 7.30 -11.20 6.17
CA ASP A 319 6.65 -11.11 4.86
C ASP A 319 5.99 -12.44 4.55
N TYR A 320 4.68 -12.42 4.31
CA TYR A 320 3.96 -13.64 4.00
C TYR A 320 4.47 -14.26 2.70
N SER A 321 4.42 -15.58 2.63
CA SER A 321 4.90 -16.32 1.48
C SER A 321 3.77 -16.48 0.46
N GLN A 322 4.04 -16.07 -0.78
CA GLN A 322 3.13 -16.30 -1.91
C GLN A 322 1.68 -16.03 -1.51
N ILE A 323 1.45 -14.89 -0.87
CA ILE A 323 0.26 -14.73 -0.04
C ILE A 323 -1.01 -14.88 -0.88
N GLU A 324 -1.13 -14.11 -1.98
CA GLU A 324 -2.38 -14.13 -2.70
C GLU A 324 -2.61 -15.45 -3.42
N LEU A 325 -1.55 -16.25 -3.66
CA LEU A 325 -1.75 -17.59 -4.19
C LEU A 325 -2.33 -18.52 -3.12
N ARG A 326 -1.86 -18.40 -1.89
CA ARG A 326 -2.45 -19.20 -0.81
C ARG A 326 -3.90 -18.82 -0.58
N VAL A 327 -4.21 -17.52 -0.62
CA VAL A 327 -5.59 -17.06 -0.50
C VAL A 327 -6.44 -17.67 -1.61
N LEU A 328 -5.92 -17.66 -2.84
CA LEU A 328 -6.66 -18.23 -3.96
C LEU A 328 -7.01 -19.69 -3.71
N ALA A 329 -6.07 -20.46 -3.15
CA ALA A 329 -6.35 -21.86 -2.84
C ALA A 329 -7.55 -21.96 -1.91
N HIS A 330 -7.60 -21.12 -0.87
CA HIS A 330 -8.68 -21.20 0.10
C HIS A 330 -10.00 -20.71 -0.50
N LEU A 331 -9.96 -19.60 -1.25
CA LEU A 331 -11.19 -19.03 -1.80
C LEU A 331 -11.80 -19.93 -2.86
N SER A 332 -10.97 -20.54 -3.70
CA SER A 332 -11.48 -21.38 -4.79
C SER A 332 -11.81 -22.79 -4.33
N GLY A 333 -11.08 -23.31 -3.36
CA GLY A 333 -11.22 -24.70 -2.98
C GLY A 333 -10.53 -25.66 -3.91
N ASP A 334 -9.63 -25.18 -4.77
CA ASP A 334 -8.96 -26.05 -5.72
C ASP A 334 -8.08 -27.05 -4.98
N GLU A 335 -8.39 -28.34 -5.12
CA GLU A 335 -7.64 -29.36 -4.41
C GLU A 335 -6.17 -29.35 -4.81
N ASN A 336 -5.89 -29.13 -6.09
CA ASN A 336 -4.51 -29.23 -6.56
C ASN A 336 -3.65 -28.10 -6.01
N LEU A 337 -4.17 -26.86 -6.03
CA LEU A 337 -3.38 -25.74 -5.55
C LEU A 337 -3.13 -25.83 -4.04
N ILE A 338 -4.14 -26.30 -3.30
CA ILE A 338 -3.95 -26.55 -1.87
C ILE A 338 -2.79 -27.52 -1.66
N ARG A 339 -2.75 -28.60 -2.45
CA ARG A 339 -1.69 -29.58 -2.33
C ARG A 339 -0.32 -28.94 -2.54
N VAL A 340 -0.23 -27.97 -3.45
CA VAL A 340 1.05 -27.34 -3.74
C VAL A 340 1.65 -26.74 -2.48
N PHE A 341 0.83 -26.09 -1.66
CA PHE A 341 1.34 -25.44 -0.47
C PHE A 341 1.45 -26.39 0.72
N GLN A 342 0.68 -27.48 0.74
CA GLN A 342 0.87 -28.50 1.76
C GLN A 342 2.17 -29.27 1.57
N GLU A 343 2.69 -29.31 0.33
CA GLU A 343 3.98 -29.91 0.04
C GLU A 343 5.12 -28.90 0.08
N GLY A 344 4.86 -27.69 0.55
CA GLY A 344 5.91 -26.68 0.66
C GLY A 344 6.53 -26.27 -0.65
N ARG A 345 5.76 -26.25 -1.73
CA ARG A 345 6.27 -25.82 -3.02
C ARG A 345 6.21 -24.29 -3.14
N ASP A 346 7.05 -23.76 -4.03
CA ASP A 346 7.17 -22.32 -4.25
C ASP A 346 7.03 -22.06 -5.75
N ILE A 347 5.89 -21.49 -6.14
CA ILE A 347 5.58 -21.36 -7.56
C ILE A 347 6.39 -20.25 -8.20
N HIS A 348 6.63 -19.15 -7.48
CA HIS A 348 7.48 -18.09 -8.00
C HIS A 348 8.84 -18.65 -8.41
N THR A 349 9.45 -19.45 -7.54
CA THR A 349 10.73 -20.08 -7.87
C THR A 349 10.58 -21.02 -9.06
N GLU A 350 9.43 -21.69 -9.17
CA GLU A 350 9.24 -22.66 -10.25
C GLU A 350 9.03 -21.96 -11.59
N THR A 351 8.14 -20.96 -11.63
CA THR A 351 7.99 -20.17 -12.85
C THR A 351 9.32 -19.52 -13.24
N ALA A 352 10.09 -19.06 -12.26
CA ALA A 352 11.38 -18.44 -12.55
C ALA A 352 12.32 -19.41 -13.24
N SER A 353 12.40 -20.64 -12.73
CA SER A 353 13.22 -21.66 -13.38
C SER A 353 12.75 -21.90 -14.80
N TRP A 354 11.43 -22.05 -14.97
CA TRP A 354 10.86 -22.20 -16.30
C TRP A 354 11.28 -21.05 -17.21
N MET A 355 11.06 -19.81 -16.76
CA MET A 355 11.33 -18.64 -17.58
C MET A 355 12.79 -18.60 -18.04
N PHE A 356 13.72 -18.88 -17.13
CA PHE A 356 15.14 -18.61 -17.35
C PHE A 356 15.93 -19.85 -17.76
N GLY A 357 15.30 -21.02 -17.84
CA GLY A 357 16.01 -22.22 -18.22
C GLY A 357 17.13 -22.56 -17.26
N VAL A 358 16.83 -22.50 -15.97
CA VAL A 358 17.82 -22.64 -14.90
C VAL A 358 17.15 -23.38 -13.75
N PRO A 359 17.82 -24.32 -13.08
CA PRO A 359 17.14 -25.09 -12.03
C PRO A 359 16.92 -24.26 -10.77
N ARG A 360 16.07 -24.81 -9.90
CA ARG A 360 15.65 -24.09 -8.70
C ARG A 360 16.86 -23.58 -7.90
N GLU A 361 17.86 -24.45 -7.70
CA GLU A 361 19.00 -24.08 -6.88
C GLU A 361 19.72 -22.84 -7.41
N ALA A 362 19.68 -22.64 -8.73
CA ALA A 362 20.39 -21.54 -9.36
C ALA A 362 19.54 -20.29 -9.54
N VAL A 363 18.28 -20.30 -9.07
CA VAL A 363 17.45 -19.11 -9.13
C VAL A 363 17.92 -18.13 -8.06
N ASP A 364 18.22 -16.91 -8.47
CA ASP A 364 18.63 -15.85 -7.56
C ASP A 364 17.43 -15.00 -7.18
N PRO A 365 17.55 -14.18 -6.14
CA PRO A 365 16.40 -13.36 -5.72
C PRO A 365 15.82 -12.49 -6.83
N LEU A 366 16.66 -11.99 -7.74
CA LEU A 366 16.17 -11.11 -8.80
C LEU A 366 15.31 -11.90 -9.79
N MET A 367 15.73 -13.10 -10.18
CA MET A 367 14.96 -13.89 -11.12
C MET A 367 13.58 -14.20 -10.57
N ARG A 368 13.50 -14.58 -9.28
CA ARG A 368 12.22 -14.93 -8.68
C ARG A 368 11.23 -13.76 -8.75
N ARG A 369 11.73 -12.53 -8.64
N ARG A 369 11.73 -12.53 -8.61
CA ARG A 369 10.85 -11.37 -8.67
CA ARG A 369 10.84 -11.37 -8.68
C ARG A 369 10.18 -11.21 -10.03
C ARG A 369 10.14 -11.30 -10.04
N ALA A 370 10.86 -11.59 -11.11
CA ALA A 370 10.26 -11.51 -12.44
C ALA A 370 9.11 -12.51 -12.57
N ALA A 371 9.21 -13.65 -11.90
CA ALA A 371 8.15 -14.65 -11.97
C ALA A 371 6.85 -14.12 -11.41
N LYS A 372 6.92 -13.16 -10.47
CA LYS A 372 5.72 -12.65 -9.83
C LYS A 372 4.82 -11.92 -10.84
N THR A 373 5.41 -11.02 -11.64
CA THR A 373 4.62 -10.38 -12.70
C THR A 373 3.93 -11.44 -13.55
N ILE A 374 4.65 -12.50 -13.92
CA ILE A 374 4.09 -13.54 -14.76
C ILE A 374 2.95 -14.27 -14.03
N ASN A 375 3.26 -14.81 -12.85
CA ASN A 375 2.28 -15.62 -12.14
C ASN A 375 1.03 -14.82 -11.80
N PHE A 376 1.19 -13.59 -11.32
CA PHE A 376 0.03 -12.77 -10.98
C PHE A 376 -0.56 -12.11 -12.22
N GLY A 377 0.27 -11.84 -13.24
CA GLY A 377 -0.25 -11.33 -14.49
C GLY A 377 -1.22 -12.30 -15.13
N VAL A 378 -0.75 -13.53 -15.37
CA VAL A 378 -1.61 -14.55 -15.97
C VAL A 378 -2.88 -14.73 -15.14
N LEU A 379 -2.72 -14.86 -13.82
CA LEU A 379 -3.87 -15.16 -12.97
C LEU A 379 -4.96 -14.11 -13.14
N TYR A 380 -4.59 -12.83 -13.13
CA TYR A 380 -5.56 -11.74 -13.14
C TYR A 380 -5.93 -11.27 -14.54
N GLY A 381 -5.73 -12.11 -15.55
CA GLY A 381 -6.30 -11.88 -16.87
C GLY A 381 -5.34 -11.44 -17.96
N MET A 382 -4.03 -11.49 -17.74
CA MET A 382 -3.09 -11.05 -18.77
C MET A 382 -3.35 -11.80 -20.07
N SER A 383 -3.11 -11.11 -21.19
CA SER A 383 -3.35 -11.68 -22.50
C SER A 383 -2.12 -12.46 -22.97
N ALA A 384 -2.36 -13.48 -23.80
CA ALA A 384 -1.27 -14.29 -24.31
C ALA A 384 -0.27 -13.44 -25.11
N HIS A 385 -0.77 -12.50 -25.91
CA HIS A 385 0.11 -11.69 -26.73
C HIS A 385 1.13 -10.96 -25.87
N ARG A 386 0.68 -10.25 -24.83
CA ARG A 386 1.60 -9.52 -23.99
C ARG A 386 2.60 -10.44 -23.32
N LEU A 387 2.13 -11.58 -22.80
CA LEU A 387 3.03 -12.53 -22.16
C LEU A 387 4.17 -12.91 -23.09
N SER A 388 3.84 -13.21 -24.35
CA SER A 388 4.89 -13.53 -25.32
C SER A 388 5.87 -12.37 -25.45
N GLN A 389 5.36 -11.14 -25.41
CA GLN A 389 6.22 -9.98 -25.62
C GLN A 389 7.07 -9.70 -24.38
N GLU A 390 6.52 -9.93 -23.19
CA GLU A 390 7.29 -9.71 -21.96
C GLU A 390 8.47 -10.67 -21.87
N LEU A 391 8.22 -11.95 -22.16
CA LEU A 391 9.24 -12.98 -22.03
C LEU A 391 10.09 -13.14 -23.28
N ALA A 392 9.82 -12.37 -24.33
CA ALA A 392 10.61 -12.40 -25.56
C ALA A 392 10.61 -13.80 -26.18
N ILE A 393 9.46 -14.46 -26.16
CA ILE A 393 9.32 -15.79 -26.75
C ILE A 393 8.13 -15.78 -27.69
N PRO A 394 8.01 -16.80 -28.56
CA PRO A 394 6.90 -16.84 -29.51
C PRO A 394 5.55 -16.78 -28.82
N TYR A 395 4.49 -16.71 -29.64
CA TYR A 395 3.14 -16.53 -29.15
C TYR A 395 2.54 -17.85 -28.66
N GLU A 396 2.67 -18.91 -29.46
CA GLU A 396 2.09 -20.19 -29.10
C GLU A 396 2.63 -20.68 -27.76
N GLU A 397 3.92 -20.44 -27.47
CA GLU A 397 4.48 -20.82 -26.19
C GLU A 397 3.78 -20.10 -25.05
N ALA A 398 3.60 -18.78 -25.18
CA ALA A 398 2.91 -18.01 -24.14
C ALA A 398 1.50 -18.52 -23.92
N GLN A 399 0.76 -18.76 -25.00
CA GLN A 399 -0.56 -19.35 -24.88
C GLN A 399 -0.51 -20.69 -24.15
N ALA A 400 0.55 -21.46 -24.37
CA ALA A 400 0.68 -22.77 -23.73
C ALA A 400 0.89 -22.62 -22.23
N PHE A 401 1.70 -21.65 -21.82
CA PHE A 401 1.89 -21.40 -20.40
C PHE A 401 0.57 -21.14 -19.70
N ILE A 402 -0.30 -20.35 -20.34
CA ILE A 402 -1.58 -19.99 -19.73
C ILE A 402 -2.53 -21.18 -19.67
N GLU A 403 -2.57 -21.98 -20.74
CA GLU A 403 -3.35 -23.21 -20.70
C GLU A 403 -2.87 -24.12 -19.57
N ARG A 404 -1.55 -24.35 -19.50
CA ARG A 404 -1.00 -25.18 -18.44
C ARG A 404 -1.30 -24.59 -17.06
N TYR A 405 -1.14 -23.28 -16.93
CA TYR A 405 -1.38 -22.61 -15.65
C TYR A 405 -2.73 -23.00 -15.06
N PHE A 406 -3.80 -22.85 -15.84
CA PHE A 406 -5.15 -23.01 -15.30
C PHE A 406 -5.62 -24.46 -15.27
N GLN A 407 -5.13 -25.32 -16.17
CA GLN A 407 -5.48 -26.73 -16.06
C GLN A 407 -4.88 -27.35 -14.80
N SER A 408 -3.70 -26.89 -14.39
CA SER A 408 -3.11 -27.35 -13.14
C SER A 408 -4.05 -27.13 -11.96
N PHE A 409 -4.94 -26.15 -12.07
CA PHE A 409 -5.83 -25.76 -10.97
C PHE A 409 -7.21 -25.45 -11.55
N PRO A 410 -7.97 -26.49 -11.91
CA PRO A 410 -9.21 -26.27 -12.66
C PRO A 410 -10.26 -25.43 -11.94
N LYS A 411 -10.40 -25.58 -10.61
CA LYS A 411 -11.46 -24.89 -9.89
C LYS A 411 -11.22 -23.39 -9.75
N VAL A 412 -10.09 -22.87 -10.25
CA VAL A 412 -9.86 -21.44 -10.21
C VAL A 412 -10.82 -20.71 -11.15
N ARG A 413 -10.89 -21.17 -12.41
CA ARG A 413 -11.78 -20.52 -13.37
C ARG A 413 -13.24 -20.63 -12.92
N ALA A 414 -13.61 -21.76 -12.30
CA ALA A 414 -14.95 -21.88 -11.75
C ALA A 414 -15.21 -20.80 -10.72
N TRP A 415 -14.24 -20.55 -9.85
CA TRP A 415 -14.40 -19.51 -8.83
C TRP A 415 -14.43 -18.13 -9.47
N ILE A 416 -13.57 -17.88 -10.46
CA ILE A 416 -13.61 -16.62 -11.17
C ILE A 416 -15.02 -16.38 -11.74
N GLU A 417 -15.58 -17.40 -12.37
CA GLU A 417 -16.88 -17.24 -13.01
C GLU A 417 -17.99 -17.08 -11.98
N LYS A 418 -17.95 -17.86 -10.89
CA LYS A 418 -18.93 -17.68 -9.83
C LYS A 418 -18.83 -16.27 -9.24
N THR A 419 -17.60 -15.80 -9.01
CA THR A 419 -17.40 -14.46 -8.47
C THR A 419 -18.03 -13.41 -9.37
N LEU A 420 -17.82 -13.53 -10.69
CA LEU A 420 -18.35 -12.54 -11.62
C LEU A 420 -19.87 -12.60 -11.69
N GLU A 421 -20.41 -13.80 -11.83
CA GLU A 421 -21.88 -13.94 -11.83
C GLU A 421 -22.46 -13.38 -10.53
N GLU A 422 -21.81 -13.65 -9.40
CA GLU A 422 -22.26 -13.08 -8.14
C GLU A 422 -22.19 -11.56 -8.17
N GLY A 423 -21.15 -11.01 -8.80
CA GLY A 423 -20.99 -9.56 -8.85
C GLY A 423 -21.99 -8.89 -9.76
N ARG A 424 -22.43 -9.57 -10.81
CA ARG A 424 -23.44 -8.98 -11.69
C ARG A 424 -24.81 -8.95 -11.01
N ARG A 425 -25.12 -9.97 -10.20
CA ARG A 425 -26.43 -10.04 -9.56
C ARG A 425 -26.55 -9.05 -8.42
N ARG A 426 -25.53 -8.96 -7.57
CA ARG A 426 -25.57 -8.10 -6.40
C ARG A 426 -24.90 -6.76 -6.60
N GLY A 427 -24.11 -6.60 -7.67
CA GLY A 427 -23.42 -5.37 -7.92
C GLY A 427 -22.11 -5.22 -7.17
N TYR A 428 -21.72 -6.20 -6.37
CA TYR A 428 -20.47 -6.12 -5.63
C TYR A 428 -19.88 -7.51 -5.47
N VAL A 429 -18.56 -7.53 -5.31
CA VAL A 429 -17.83 -8.73 -4.92
C VAL A 429 -17.37 -8.53 -3.47
N GLU A 430 -16.90 -9.61 -2.85
CA GLU A 430 -16.58 -9.54 -1.43
C GLU A 430 -15.38 -10.42 -1.10
N THR A 431 -14.69 -10.06 -0.02
CA THR A 431 -13.59 -10.85 0.49
C THR A 431 -14.12 -12.00 1.35
N LEU A 432 -13.19 -12.77 1.91
CA LEU A 432 -13.57 -13.88 2.78
C LEU A 432 -14.33 -13.39 4.00
N PHE A 433 -14.09 -12.16 4.44
N PHE A 433 -14.10 -12.16 4.43
CA PHE A 433 -14.72 -11.61 5.63
CA PHE A 433 -14.72 -11.61 5.63
C PHE A 433 -15.91 -10.71 5.33
C PHE A 433 -15.90 -10.70 5.33
N GLY A 434 -16.24 -10.50 4.05
CA GLY A 434 -17.39 -9.70 3.68
C GLY A 434 -17.08 -8.27 3.29
N ARG A 435 -15.81 -7.86 3.28
CA ARG A 435 -15.48 -6.56 2.71
C ARG A 435 -15.94 -6.54 1.26
N ARG A 436 -16.64 -5.47 0.88
CA ARG A 436 -17.29 -5.39 -0.42
C ARG A 436 -16.61 -4.35 -1.31
N ARG A 437 -16.67 -4.59 -2.61
CA ARG A 437 -16.33 -3.60 -3.62
C ARG A 437 -17.44 -3.62 -4.66
N TYR A 438 -18.04 -2.46 -4.91
CA TYR A 438 -19.10 -2.38 -5.92
C TYR A 438 -18.47 -2.25 -7.29
N VAL A 439 -18.94 -3.08 -8.23
CA VAL A 439 -18.38 -3.10 -9.57
C VAL A 439 -19.55 -3.09 -10.56
N PRO A 440 -20.16 -1.93 -10.82
CA PRO A 440 -21.35 -1.90 -11.68
C PRO A 440 -21.06 -2.10 -13.15
N ASP A 441 -19.81 -1.95 -13.58
CA ASP A 441 -19.48 -2.08 -15.00
C ASP A 441 -19.42 -3.53 -15.48
N LEU A 442 -19.68 -4.50 -14.61
CA LEU A 442 -19.63 -5.90 -15.02
C LEU A 442 -20.62 -6.21 -16.14
N GLU A 443 -21.69 -5.43 -16.27
CA GLU A 443 -22.67 -5.65 -17.32
C GLU A 443 -22.64 -4.54 -18.37
N ALA A 444 -21.55 -3.78 -18.43
CA ALA A 444 -21.41 -2.77 -19.47
C ALA A 444 -21.46 -3.41 -20.84
N ARG A 445 -22.04 -2.67 -21.80
N ARG A 445 -22.01 -2.68 -21.81
CA ARG A 445 -22.17 -3.15 -23.18
CA ARG A 445 -22.15 -3.18 -23.17
C ARG A 445 -20.90 -2.94 -24.00
C ARG A 445 -21.05 -2.67 -24.09
N VAL A 446 -19.97 -2.13 -23.52
CA VAL A 446 -18.71 -1.90 -24.23
C VAL A 446 -17.72 -2.94 -23.71
N LYS A 447 -17.17 -3.74 -24.64
CA LYS A 447 -16.38 -4.90 -24.25
C LYS A 447 -15.21 -4.51 -23.36
N SER A 448 -14.38 -3.56 -23.81
CA SER A 448 -13.20 -3.19 -23.03
C SER A 448 -13.57 -2.77 -21.63
N VAL A 449 -14.60 -1.93 -21.49
CA VAL A 449 -15.04 -1.49 -20.17
C VAL A 449 -15.48 -2.68 -19.33
N ARG A 450 -16.28 -3.57 -19.92
CA ARG A 450 -16.78 -4.72 -19.18
C ARG A 450 -15.64 -5.62 -18.73
N GLU A 451 -14.74 -5.98 -19.65
CA GLU A 451 -13.67 -6.90 -19.31
C GLU A 451 -12.71 -6.28 -18.30
N ALA A 452 -12.51 -4.96 -18.36
CA ALA A 452 -11.73 -4.29 -17.32
C ALA A 452 -12.39 -4.46 -15.96
N ALA A 453 -13.68 -4.17 -15.87
CA ALA A 453 -14.42 -4.37 -14.62
C ALA A 453 -14.26 -5.80 -14.12
N GLU A 454 -14.28 -6.77 -15.03
CA GLU A 454 -14.19 -8.17 -14.63
C GLU A 454 -12.85 -8.47 -13.97
N ARG A 455 -11.77 -7.89 -14.48
CA ARG A 455 -10.45 -8.15 -13.91
C ARG A 455 -10.29 -7.46 -12.56
N MET A 456 -10.82 -6.24 -12.42
CA MET A 456 -10.84 -5.60 -11.11
C MET A 456 -11.72 -6.40 -10.14
N ALA A 457 -12.82 -6.95 -10.65
CA ALA A 457 -13.81 -7.58 -9.78
C ALA A 457 -13.26 -8.82 -9.10
N PHE A 458 -12.75 -9.78 -9.88
CA PHE A 458 -12.31 -11.01 -9.24
C PHE A 458 -10.91 -10.90 -8.65
N ASN A 459 -10.20 -9.80 -8.89
CA ASN A 459 -8.96 -9.56 -8.18
C ASN A 459 -9.22 -9.13 -6.75
N MET A 460 -10.28 -8.35 -6.53
CA MET A 460 -10.50 -7.74 -5.21
C MET A 460 -10.66 -8.77 -4.11
N PRO A 461 -11.47 -9.83 -4.26
CA PRO A 461 -11.56 -10.81 -3.16
C PRO A 461 -10.21 -11.39 -2.78
N VAL A 462 -9.32 -11.61 -3.74
CA VAL A 462 -8.02 -12.20 -3.42
C VAL A 462 -7.13 -11.19 -2.72
N GLN A 463 -6.87 -10.05 -3.36
CA GLN A 463 -6.04 -9.02 -2.74
C GLN A 463 -6.65 -8.55 -1.43
N GLY A 464 -7.97 -8.39 -1.39
CA GLY A 464 -8.62 -7.85 -0.20
C GLY A 464 -8.62 -8.81 0.96
N THR A 465 -8.75 -10.11 0.68
CA THR A 465 -8.65 -11.12 1.73
C THR A 465 -7.26 -11.10 2.36
N ALA A 466 -6.22 -11.07 1.53
CA ALA A 466 -4.87 -10.94 2.06
C ALA A 466 -4.74 -9.69 2.91
N ALA A 467 -5.26 -8.56 2.42
CA ALA A 467 -5.23 -7.32 3.18
C ALA A 467 -6.01 -7.46 4.49
N ASP A 468 -7.12 -8.19 4.46
CA ASP A 468 -7.87 -8.43 5.70
C ASP A 468 -7.02 -9.19 6.70
N LEU A 469 -6.39 -10.28 6.26
CA LEU A 469 -5.56 -11.08 7.15
C LEU A 469 -4.47 -10.25 7.80
N MET A 470 -3.78 -9.42 7.00
CA MET A 470 -2.71 -8.60 7.56
C MET A 470 -3.25 -7.63 8.60
N LYS A 471 -4.34 -6.93 8.29
CA LYS A 471 -4.94 -6.01 9.25
C LYS A 471 -5.28 -6.73 10.55
N LEU A 472 -5.91 -7.90 10.45
CA LEU A 472 -6.26 -8.66 11.64
C LEU A 472 -5.00 -9.06 12.41
N ALA A 473 -3.96 -9.51 11.70
CA ALA A 473 -2.71 -9.85 12.36
C ALA A 473 -2.11 -8.66 13.09
N MET A 474 -2.10 -7.50 12.44
CA MET A 474 -1.59 -6.30 13.09
C MET A 474 -2.35 -6.00 14.37
N VAL A 475 -3.68 -6.17 14.36
CA VAL A 475 -4.47 -5.88 15.56
C VAL A 475 -4.09 -6.84 16.69
N LYS A 476 -3.86 -8.11 16.35
CA LYS A 476 -3.49 -9.10 17.37
C LYS A 476 -2.06 -8.93 17.84
N LEU A 477 -1.15 -8.53 16.95
CA LEU A 477 0.26 -8.49 17.30
C LEU A 477 0.61 -7.27 18.14
N PHE A 478 0.02 -6.11 17.82
CA PHE A 478 0.41 -4.87 18.49
C PHE A 478 0.44 -4.98 20.01
N PRO A 479 -0.58 -5.53 20.69
CA PRO A 479 -0.50 -5.61 22.15
C PRO A 479 0.61 -6.51 22.65
N ARG A 480 0.93 -7.57 21.90
CA ARG A 480 2.01 -8.46 22.32
C ARG A 480 3.36 -7.77 22.19
N LEU A 481 3.48 -6.83 21.25
CA LEU A 481 4.74 -6.11 21.08
C LEU A 481 4.95 -5.10 22.19
N GLU A 482 3.90 -4.36 22.55
CA GLU A 482 4.01 -3.41 23.66
C GLU A 482 4.50 -4.12 24.92
N GLU A 483 3.99 -5.33 25.19
N GLU A 483 3.97 -5.31 25.20
CA GLU A 483 4.38 -6.05 26.40
CA GLU A 483 4.39 -6.07 26.38
C GLU A 483 5.84 -6.51 26.36
C GLU A 483 5.89 -6.31 26.37
N MET A 484 6.46 -6.54 25.18
CA MET A 484 7.87 -6.90 25.05
C MET A 484 8.76 -5.70 24.82
N GLY A 485 8.22 -4.48 24.82
CA GLY A 485 9.03 -3.31 24.56
C GLY A 485 9.50 -3.19 23.13
N ALA A 486 8.71 -3.71 22.18
CA ALA A 486 9.01 -3.61 20.76
C ALA A 486 8.00 -2.67 20.09
N ARG A 487 8.33 -2.28 18.87
CA ARG A 487 7.56 -1.29 18.11
C ARG A 487 7.20 -1.86 16.75
N MET A 488 5.99 -1.56 16.30
CA MET A 488 5.58 -1.80 14.93
C MET A 488 5.82 -0.53 14.13
N LEU A 489 6.60 -0.62 13.06
CA LEU A 489 7.05 0.57 12.33
C LEU A 489 6.35 0.76 11.00
N LEU A 490 6.36 -0.25 10.14
CA LEU A 490 5.81 -0.11 8.80
C LEU A 490 5.01 -1.35 8.44
N GLN A 491 4.01 -1.15 7.57
CA GLN A 491 3.30 -2.24 6.91
C GLN A 491 3.42 -2.00 5.40
N VAL A 492 3.86 -3.04 4.68
CA VAL A 492 3.95 -2.97 3.22
C VAL A 492 3.06 -4.07 2.64
N HIS A 493 1.75 -3.95 2.87
CA HIS A 493 0.73 -4.81 2.27
C HIS A 493 0.71 -6.21 2.85
N ASP A 494 1.77 -6.99 2.61
CA ASP A 494 1.87 -8.32 3.22
C ASP A 494 3.14 -8.44 4.05
N GLU A 495 3.71 -7.32 4.47
CA GLU A 495 4.97 -7.28 5.20
C GLU A 495 4.83 -6.35 6.39
N LEU A 496 5.52 -6.69 7.47
CA LEU A 496 5.63 -5.82 8.63
C LEU A 496 7.10 -5.61 8.97
N VAL A 497 7.44 -4.37 9.31
CA VAL A 497 8.77 -4.02 9.80
C VAL A 497 8.62 -3.57 11.25
N LEU A 498 9.32 -4.27 12.14
CA LEU A 498 9.29 -3.98 13.57
C LEU A 498 10.66 -3.48 14.02
N GLU A 499 10.68 -2.91 15.21
CA GLU A 499 11.90 -2.50 15.88
C GLU A 499 11.89 -3.10 17.28
N ALA A 500 12.96 -3.79 17.64
CA ALA A 500 13.00 -4.51 18.90
C ALA A 500 14.34 -4.32 19.58
N PRO A 501 14.38 -4.22 20.90
CA PRO A 501 15.66 -4.23 21.60
C PRO A 501 16.47 -5.45 21.19
N LYS A 502 17.78 -5.26 21.05
CA LYS A 502 18.65 -6.33 20.58
C LYS A 502 18.47 -7.61 21.39
N GLU A 503 18.31 -7.48 22.72
CA GLU A 503 18.20 -8.66 23.57
C GLU A 503 16.88 -9.39 23.40
N ARG A 504 15.84 -8.71 22.93
N ARG A 504 15.84 -8.71 22.93
CA ARG A 504 14.54 -9.33 22.69
CA ARG A 504 14.54 -9.34 22.69
C ARG A 504 14.24 -9.50 21.21
C ARG A 504 14.24 -9.51 21.21
N ALA A 505 15.16 -9.11 20.32
CA ALA A 505 14.90 -9.18 18.89
C ALA A 505 14.50 -10.58 18.47
N GLU A 506 15.27 -11.59 18.87
CA GLU A 506 14.98 -12.96 18.44
C GLU A 506 13.61 -13.42 18.92
N ALA A 507 13.28 -13.11 20.18
CA ALA A 507 11.97 -13.52 20.72
C ALA A 507 10.84 -12.80 20.00
N VAL A 508 11.02 -11.52 19.69
CA VAL A 508 10.00 -10.80 18.95
C VAL A 508 9.78 -11.43 17.58
N ALA A 509 10.86 -11.79 16.90
CA ALA A 509 10.73 -12.41 15.59
C ALA A 509 9.92 -13.69 15.66
N ARG A 510 10.25 -14.56 16.63
CA ARG A 510 9.49 -15.79 16.79
C ARG A 510 8.01 -15.50 17.01
N LEU A 511 7.69 -14.68 18.01
CA LEU A 511 6.29 -14.44 18.35
C LEU A 511 5.54 -13.79 17.20
N ALA A 512 6.15 -12.80 16.53
CA ALA A 512 5.49 -12.13 15.41
C ALA A 512 5.20 -13.11 14.28
N LYS A 513 6.11 -14.05 14.04
CA LYS A 513 5.88 -15.06 13.02
C LYS A 513 4.68 -15.93 13.37
N GLU A 514 4.58 -16.37 14.62
CA GLU A 514 3.48 -17.24 15.02
C GLU A 514 2.15 -16.52 14.90
N VAL A 515 2.08 -15.27 15.37
CA VAL A 515 0.83 -14.51 15.32
C VAL A 515 0.36 -14.40 13.87
N MET A 516 1.26 -13.98 12.98
CA MET A 516 0.86 -13.74 11.59
C MET A 516 0.38 -15.02 10.91
N GLU A 517 1.01 -16.15 11.22
CA GLU A 517 0.67 -17.40 10.55
C GLU A 517 -0.63 -18.01 11.06
N GLY A 518 -0.93 -17.82 12.35
CA GLY A 518 -2.15 -18.34 12.92
C GLY A 518 -3.22 -17.28 13.11
N VAL A 519 -3.13 -16.21 12.34
CA VAL A 519 -4.11 -15.13 12.42
C VAL A 519 -5.52 -15.66 12.15
N TYR A 520 -5.66 -16.50 11.14
CA TYR A 520 -6.97 -17.02 10.72
C TYR A 520 -6.74 -18.23 9.84
N PRO A 521 -6.62 -19.43 10.42
CA PRO A 521 -6.24 -20.60 9.62
C PRO A 521 -7.13 -20.78 8.40
N LEU A 522 -6.51 -21.17 7.31
CA LEU A 522 -7.17 -21.43 6.04
C LEU A 522 -7.04 -22.92 5.71
N ALA A 523 -7.44 -23.28 4.49
CA ALA A 523 -7.23 -24.64 4.02
C ALA A 523 -5.78 -24.89 3.64
N VAL A 524 -4.94 -23.85 3.65
CA VAL A 524 -3.51 -23.99 3.41
C VAL A 524 -2.76 -23.25 4.51
N PRO A 525 -1.55 -23.69 4.87
CA PRO A 525 -0.80 -22.97 5.90
C PRO A 525 -0.26 -21.65 5.35
N LEU A 526 -0.19 -20.66 6.23
CA LEU A 526 0.43 -19.38 5.93
C LEU A 526 1.86 -19.43 6.44
N GLU A 527 2.82 -19.45 5.52
CA GLU A 527 4.24 -19.39 5.87
C GLU A 527 4.70 -17.94 5.84
N VAL A 528 5.49 -17.55 6.83
CA VAL A 528 6.02 -16.19 6.93
C VAL A 528 7.54 -16.26 6.99
N GLU A 529 8.19 -15.54 6.07
CA GLU A 529 9.63 -15.38 6.11
C GLU A 529 9.97 -14.21 7.02
N VAL A 530 10.92 -14.41 7.92
CA VAL A 530 11.32 -13.37 8.87
C VAL A 530 12.84 -13.24 8.87
N GLY A 531 13.31 -12.01 9.05
CA GLY A 531 14.74 -11.76 9.16
C GLY A 531 15.00 -10.60 10.10
N ILE A 532 16.23 -10.57 10.61
CA ILE A 532 16.66 -9.55 11.58
C ILE A 532 17.94 -8.92 11.07
N GLY A 533 18.06 -7.60 11.25
CA GLY A 533 19.27 -6.90 10.85
C GLY A 533 19.25 -5.46 11.30
N GLU A 534 20.41 -4.81 11.12
CA GLU A 534 20.55 -3.40 11.46
C GLU A 534 19.88 -2.48 10.45
N ASP A 535 19.55 -2.96 9.25
CA ASP A 535 18.89 -2.14 8.25
C ASP A 535 17.81 -2.96 7.56
N TRP A 536 16.93 -2.26 6.84
CA TRP A 536 15.79 -2.91 6.21
C TRP A 536 16.23 -3.99 5.22
N LEU A 537 17.27 -3.72 4.44
CA LEU A 537 17.75 -4.71 3.48
C LEU A 537 18.30 -5.94 4.20
N SER A 538 19.07 -5.73 5.27
CA SER A 538 19.63 -6.87 6.02
C SER A 538 18.55 -7.71 6.67
N ALA A 539 17.40 -7.11 6.97
CA ALA A 539 16.36 -7.80 7.72
C ALA A 539 15.49 -8.71 6.84
N LYS A 540 15.63 -8.66 5.52
CA LYS A 540 14.85 -9.52 4.63
C LYS A 540 15.69 -10.63 4.02
N GLU A 541 16.85 -10.91 4.60
CA GLU A 541 17.75 -11.94 4.07
C GLU A 541 17.93 -13.07 5.08
#